data_7P8Q
#
_entry.id   7P8Q
#
_cell.length_a   80.320
_cell.length_b   38.300
_cell.length_c   90.800
_cell.angle_alpha   90.000
_cell.angle_beta   105.360
_cell.angle_gamma   90.000
#
_symmetry.space_group_name_H-M   'C 1 2 1'
#
loop_
_entity.id
_entity.type
_entity.pdbx_description
1 polymer 'Ribosomal RNA large subunit methyltransferase J'
2 polymer 'RNA conjugate (GA-SAM)'
3 non-polymer "5'-{[(3S)-3-amino-3-carboxypropyl](3-aminopropyl)amino}-5'-deoxyadenosine"
4 water water
#
loop_
_entity_poly.entity_id
_entity_poly.type
_entity_poly.pdbx_seq_one_letter_code
_entity_poly.pdbx_strand_id
1 'polypeptide(L)'
;MLSYRHSFHAGNHADVLKHTVQSLIIESLKEKDKPFLYLDTHAGAGRYQLGSEHAERTGEYLEGIARIWQQDDLPAELEA
YINVVKHFNRSGQLRYYPGSPLIARQLLREQDSLQLTELHPSDYPLLRSEFQKDSRARVEKADGFQQLKAKLPPVSRRGL
ILIDPPYEMKTDYQAVVSGIAEGYKRFATGTYALWYPVVLRQQIKRMIHDLEATGIRKILQIELAVLPDSDRRGMTASGM
IVINPPWKLEQQMNNVLPWLHSKLVPAGTGHATVSWIVPE
;
A
2 'polyribonucleotide' (GMP)A B
#
loop_
_chem_comp.id
_chem_comp.type
_chem_comp.name
_chem_comp.formula
6D6 non-polymer 5'-{[(3S)-3-amino-3-carboxypropyl](3-aminopropyl)amino}-5'-deoxyadenosine 'C17 H28 N8 O5'
A RNA linking ADENOSINE-5'-MONOPHOSPHATE 'C10 H14 N5 O7 P'
GMP non-polymer GUANOSINE 'C10 H13 N5 O5'
#
# COMPACT_ATOMS: atom_id res chain seq x y z
N LEU A 2 1.44 -22.43 -10.21
CA LEU A 2 0.02 -22.86 -10.10
C LEU A 2 -0.38 -22.95 -8.61
N SER A 3 0.56 -22.83 -7.66
CA SER A 3 0.29 -22.90 -6.20
C SER A 3 0.44 -21.52 -5.58
N TYR A 4 -0.61 -20.97 -4.95
CA TYR A 4 -0.54 -19.63 -4.37
C TYR A 4 0.39 -19.63 -3.18
N ARG A 5 0.98 -18.48 -2.90
CA ARG A 5 1.90 -18.34 -1.79
C ARG A 5 1.10 -18.23 -0.49
N HIS A 6 1.79 -18.50 0.62
CA HIS A 6 1.31 -18.24 1.97
C HIS A 6 2.08 -17.07 2.55
N SER A 7 1.49 -16.41 3.54
CA SER A 7 2.14 -15.26 4.19
C SER A 7 1.58 -15.10 5.58
N PHE A 8 2.43 -15.22 6.60
CA PHE A 8 1.95 -15.03 7.96
C PHE A 8 1.35 -13.66 8.15
N HIS A 9 1.95 -12.65 7.55
CA HIS A 9 1.49 -11.28 7.81
C HIS A 9 0.36 -10.81 6.93
N ALA A 10 -0.05 -11.62 5.94
CA ALA A 10 -1.04 -11.16 4.98
C ALA A 10 -2.29 -10.70 5.73
N GLY A 11 -2.69 -9.46 5.45
CA GLY A 11 -3.92 -8.92 5.98
C GLY A 11 -3.78 -8.43 7.38
N ASN A 12 -2.57 -8.23 7.85
CA ASN A 12 -2.34 -7.70 9.18
C ASN A 12 -2.71 -6.23 9.23
N HIS A 13 -2.51 -5.57 10.39
CA HIS A 13 -2.94 -4.17 10.50
C HIS A 13 -2.26 -3.26 9.49
N ALA A 14 -0.97 -3.49 9.27
CA ALA A 14 -0.22 -2.75 8.27
C ALA A 14 -0.80 -2.90 6.85
N ASP A 15 -1.07 -4.14 6.45
CA ASP A 15 -1.76 -4.36 5.19
C ASP A 15 -3.06 -3.59 5.15
N VAL A 16 -3.93 -3.75 6.17
CA VAL A 16 -5.22 -3.06 6.18
C VAL A 16 -5.03 -1.57 5.92
N LEU A 17 -4.10 -0.93 6.65
CA LEU A 17 -3.88 0.49 6.44
C LEU A 17 -3.45 0.78 5.03
N LYS A 18 -2.46 0.04 4.51
CA LYS A 18 -1.88 0.43 3.23
C LYS A 18 -2.85 0.17 2.10
N HIS A 19 -3.45 -1.02 2.07
CA HIS A 19 -4.44 -1.28 1.03
C HIS A 19 -5.70 -0.43 1.19
N THR A 20 -5.96 0.13 2.38
CA THR A 20 -7.02 1.13 2.48
C THR A 20 -6.63 2.42 1.75
N VAL A 21 -5.39 2.87 1.97
CA VAL A 21 -4.97 4.14 1.38
C VAL A 21 -4.87 4.00 -0.12
N GLN A 22 -4.27 2.88 -0.57
CA GLN A 22 -4.24 2.56 -1.99
C GLN A 22 -5.62 2.60 -2.63
N SER A 23 -6.60 1.99 -1.97
CA SER A 23 -7.92 1.87 -2.58
C SER A 23 -8.60 3.22 -2.64
N LEU A 24 -8.26 4.08 -1.71
CA LEU A 24 -8.89 5.40 -1.66
C LEU A 24 -8.29 6.26 -2.74
N ILE A 25 -6.98 6.13 -2.94
CA ILE A 25 -6.29 6.89 -3.98
C ILE A 25 -6.74 6.45 -5.38
N ILE A 26 -6.92 5.14 -5.59
CA ILE A 26 -7.38 4.68 -6.89
C ILE A 26 -8.78 5.21 -7.17
N GLU A 27 -9.68 5.05 -6.20
CA GLU A 27 -11.05 5.54 -6.40
C GLU A 27 -11.08 7.04 -6.63
N SER A 28 -10.17 7.80 -6.01
CA SER A 28 -10.11 9.21 -6.33
C SER A 28 -9.66 9.39 -7.78
N LEU A 29 -8.75 8.53 -8.26
CA LEU A 29 -8.29 8.64 -9.65
C LEU A 29 -9.42 8.35 -10.64
N LYS A 30 -10.31 7.42 -10.29
CA LYS A 30 -11.37 6.99 -11.21
C LYS A 30 -12.47 8.01 -11.36
N GLU A 31 -12.39 9.16 -10.67
CA GLU A 31 -13.46 10.15 -10.75
C GLU A 31 -13.45 10.83 -12.10
N LYS A 32 -12.29 10.99 -12.71
CA LYS A 32 -12.17 11.39 -14.10
C LYS A 32 -12.12 10.13 -14.95
N ASP A 33 -13.01 10.04 -15.95
CA ASP A 33 -13.01 8.83 -16.79
C ASP A 33 -11.91 8.94 -17.86
N LYS A 34 -10.69 9.35 -17.44
CA LYS A 34 -9.46 9.42 -18.26
C LYS A 34 -8.49 8.41 -17.62
N PRO A 35 -7.58 7.76 -18.35
CA PRO A 35 -6.79 6.64 -17.81
C PRO A 35 -5.58 7.09 -17.00
N PHE A 36 -5.08 6.15 -16.20
CA PHE A 36 -3.99 6.40 -15.26
C PHE A 36 -3.17 5.11 -15.11
N LEU A 37 -1.97 5.25 -14.60
CA LEU A 37 -1.11 4.10 -14.36
C LEU A 37 -1.07 3.78 -12.88
N TYR A 38 -0.88 2.50 -12.55
CA TYR A 38 -0.56 2.06 -11.19
C TYR A 38 0.79 1.37 -11.29
N LEU A 39 1.81 1.96 -10.68
CA LEU A 39 3.16 1.40 -10.65
C LEU A 39 3.42 0.84 -9.26
N ASP A 40 3.67 -0.47 -9.19
CA ASP A 40 3.95 -1.16 -7.93
C ASP A 40 5.38 -1.69 -8.04
N THR A 41 6.27 -1.14 -7.19
CA THR A 41 7.70 -1.44 -7.21
C THR A 41 8.04 -2.76 -6.50
N HIS A 42 7.36 -3.05 -5.39
CA HIS A 42 7.59 -4.28 -4.63
C HIS A 42 6.22 -4.94 -4.53
N ALA A 43 5.87 -5.71 -5.55
CA ALA A 43 4.50 -6.12 -5.81
C ALA A 43 4.13 -7.43 -5.13
N GLY A 44 5.12 -8.30 -4.81
CA GLY A 44 4.78 -9.62 -4.29
C GLY A 44 3.95 -10.49 -5.27
N ALA A 45 3.38 -11.57 -4.73
CA ALA A 45 2.86 -12.59 -5.63
C ALA A 45 1.47 -12.30 -6.22
N GLY A 46 0.66 -11.47 -5.57
CA GLY A 46 -0.69 -11.19 -6.06
C GLY A 46 -1.75 -11.50 -5.02
N ARG A 47 -1.66 -12.65 -4.39
CA ARG A 47 -2.62 -13.07 -3.41
C ARG A 47 -1.93 -14.08 -2.50
N TYR A 48 -2.57 -14.39 -1.39
CA TYR A 48 -1.96 -15.21 -0.36
C TYR A 48 -2.99 -16.11 0.29
N GLN A 49 -2.74 -17.41 0.19
CA GLN A 49 -3.59 -18.38 0.84
C GLN A 49 -3.42 -18.20 2.35
N LEU A 50 -4.52 -17.99 3.04
CA LEU A 50 -4.48 -17.69 4.47
C LEU A 50 -4.38 -18.97 5.29
N GLY A 51 -3.54 -18.92 6.32
CA GLY A 51 -3.30 -20.02 7.23
C GLY A 51 -2.24 -21.05 6.92
N SER A 52 -2.46 -22.29 7.37
CA SER A 52 -1.66 -23.46 7.06
C SER A 52 -2.60 -24.67 7.06
N GLU A 53 -2.17 -25.74 6.39
CA GLU A 53 -2.92 -27.00 6.37
C GLU A 53 -4.34 -26.83 5.81
N THR A 58 -2.96 -19.55 13.39
CA THR A 58 -3.37 -19.76 12.02
C THR A 58 -2.67 -18.61 11.23
N GLY A 59 -2.84 -17.35 11.66
CA GLY A 59 -2.18 -16.24 10.93
C GLY A 59 -2.55 -14.87 11.48
N GLU A 60 -1.75 -13.84 11.16
CA GLU A 60 -1.92 -12.48 11.73
C GLU A 60 -3.11 -11.76 11.08
N TYR A 61 -3.68 -12.32 10.02
CA TYR A 61 -4.90 -11.78 9.39
C TYR A 61 -6.01 -11.78 10.45
N LEU A 62 -6.01 -12.75 11.36
CA LEU A 62 -7.07 -12.93 12.39
C LEU A 62 -7.17 -11.68 13.25
N GLU A 63 -6.08 -10.92 13.42
CA GLU A 63 -6.03 -9.69 14.23
C GLU A 63 -6.06 -8.47 13.29
N GLY A 64 -6.37 -8.65 12.00
CA GLY A 64 -6.30 -7.58 10.99
C GLY A 64 -7.53 -7.49 10.11
N ILE A 65 -7.47 -7.97 8.86
CA ILE A 65 -8.63 -7.83 7.97
C ILE A 65 -9.84 -8.53 8.58
N ALA A 66 -9.59 -9.53 9.44
CA ALA A 66 -10.66 -10.30 10.07
C ALA A 66 -11.51 -9.44 11.01
N ARG A 67 -10.89 -8.50 11.73
CA ARG A 67 -11.62 -7.69 12.69
C ARG A 67 -12.52 -6.63 12.06
N ILE A 68 -12.45 -6.42 10.75
CA ILE A 68 -13.19 -5.30 10.12
C ILE A 68 -13.99 -5.67 8.88
N TRP A 69 -13.86 -6.87 8.30
CA TRP A 69 -14.38 -6.94 6.95
C TRP A 69 -15.83 -7.35 6.96
N GLN A 70 -16.38 -7.72 8.12
CA GLN A 70 -17.76 -8.12 8.25
C GLN A 70 -18.51 -7.22 9.23
N GLN A 71 -17.88 -6.13 9.64
CA GLN A 71 -18.48 -5.25 10.62
C GLN A 71 -19.65 -4.48 10.01
N ASP A 72 -20.79 -4.55 10.72
CA ASP A 72 -22.05 -3.91 10.31
C ASP A 72 -21.93 -2.39 10.11
N ASP A 73 -21.06 -1.71 10.88
CA ASP A 73 -20.86 -0.26 10.84
C ASP A 73 -19.64 0.17 9.99
N LEU A 74 -19.24 -0.67 9.02
CA LEU A 74 -18.02 -0.42 8.26
C LEU A 74 -18.05 0.96 7.63
N PRO A 75 -17.18 1.85 8.01
CA PRO A 75 -17.13 3.14 7.32
C PRO A 75 -17.27 3.02 5.78
N ALA A 76 -17.87 4.03 5.19
CA ALA A 76 -18.20 3.96 3.78
C ALA A 76 -16.96 4.08 2.92
N GLU A 77 -15.94 4.74 3.43
CA GLU A 77 -14.68 4.90 2.70
C GLU A 77 -13.92 3.58 2.53
N LEU A 78 -14.13 2.62 3.44
CA LEU A 78 -13.49 1.32 3.36
C LEU A 78 -14.23 0.30 2.50
N GLU A 79 -15.36 0.69 1.89
CA GLU A 79 -16.19 -0.25 1.17
C GLU A 79 -15.47 -0.83 -0.06
N ALA A 80 -14.82 0.03 -0.86
CA ALA A 80 -14.18 -0.48 -2.09
C ALA A 80 -13.09 -1.50 -1.80
N TYR A 81 -12.40 -1.37 -0.66
CA TYR A 81 -11.32 -2.29 -0.22
C TYR A 81 -11.92 -3.62 0.23
N ILE A 82 -12.93 -3.59 1.09
CA ILE A 82 -13.53 -4.82 1.66
C ILE A 82 -14.21 -5.59 0.51
N ASN A 83 -14.76 -4.88 -0.46
CA ASN A 83 -15.44 -5.49 -1.63
C ASN A 83 -14.40 -6.28 -2.45
N VAL A 84 -13.15 -5.83 -2.53
CA VAL A 84 -12.08 -6.62 -3.22
C VAL A 84 -11.83 -7.89 -2.39
N VAL A 85 -11.65 -7.75 -1.08
CA VAL A 85 -11.34 -8.92 -0.20
C VAL A 85 -12.51 -9.92 -0.35
N LYS A 86 -13.75 -9.46 -0.39
CA LYS A 86 -14.96 -10.33 -0.46
C LYS A 86 -15.01 -11.04 -1.82
N HIS A 87 -14.54 -10.41 -2.89
CA HIS A 87 -14.48 -11.01 -4.25
C HIS A 87 -13.53 -12.21 -4.22
N PHE A 88 -12.46 -12.15 -3.44
CA PHE A 88 -11.45 -13.24 -3.32
C PHE A 88 -11.85 -14.20 -2.18
N ASN A 89 -12.98 -13.98 -1.50
CA ASN A 89 -13.51 -14.84 -0.40
C ASN A 89 -15.04 -14.87 -0.45
N ARG A 90 -15.66 -15.47 -1.46
CA ARG A 90 -17.14 -15.40 -1.66
C ARG A 90 -17.85 -16.49 -0.83
N SER A 91 -17.13 -17.30 -0.07
CA SER A 91 -17.71 -18.30 0.88
C SER A 91 -18.08 -17.58 2.18
N GLY A 92 -17.65 -16.32 2.36
CA GLY A 92 -17.88 -15.57 3.61
C GLY A 92 -16.86 -15.95 4.66
N GLN A 93 -15.78 -16.62 4.26
CA GLN A 93 -14.69 -17.06 5.17
C GLN A 93 -13.36 -16.55 4.59
N LEU A 94 -12.51 -15.94 5.40
CA LEU A 94 -11.19 -15.43 4.96
C LEU A 94 -10.30 -16.64 4.69
N ARG A 95 -10.16 -17.07 3.44
CA ARG A 95 -9.25 -18.17 3.03
C ARG A 95 -8.22 -17.62 2.04
N TYR A 96 -8.31 -16.36 1.61
CA TYR A 96 -7.36 -15.70 0.68
C TYR A 96 -7.31 -14.21 1.01
N TYR A 97 -6.17 -13.55 0.80
CA TYR A 97 -6.03 -12.09 1.03
C TYR A 97 -5.41 -11.45 -0.21
N PRO A 98 -6.06 -10.46 -0.86
CA PRO A 98 -5.50 -9.82 -2.05
C PRO A 98 -4.23 -9.06 -1.72
N GLY A 99 -3.30 -9.09 -2.66
CA GLY A 99 -2.18 -8.17 -2.61
C GLY A 99 -2.46 -6.86 -3.38
N SER A 100 -1.62 -5.88 -3.14
CA SER A 100 -1.78 -4.61 -3.82
C SER A 100 -1.92 -4.74 -5.34
N PRO A 101 -1.26 -5.69 -6.01
CA PRO A 101 -1.50 -5.81 -7.47
C PRO A 101 -2.89 -6.32 -7.80
N LEU A 102 -3.43 -7.21 -6.96
CA LEU A 102 -4.82 -7.65 -7.15
C LEU A 102 -5.83 -6.64 -6.63
N ILE A 103 -5.52 -5.91 -5.57
CA ILE A 103 -6.25 -4.68 -5.28
C ILE A 103 -6.37 -3.84 -6.55
N ALA A 104 -5.22 -3.52 -7.15
CA ALA A 104 -5.17 -2.73 -8.36
C ALA A 104 -5.95 -3.38 -9.52
N ARG A 105 -5.75 -4.67 -9.71
CA ARG A 105 -6.40 -5.34 -10.83
C ARG A 105 -7.90 -5.13 -10.80
N GLN A 106 -8.52 -5.33 -9.62
CA GLN A 106 -9.99 -5.32 -9.53
C GLN A 106 -10.58 -3.93 -9.54
N LEU A 107 -9.86 -2.95 -8.99
CA LEU A 107 -10.34 -1.58 -8.92
C LEU A 107 -10.13 -0.81 -10.20
N LEU A 108 -9.03 -1.05 -10.91
CA LEU A 108 -8.75 -0.36 -12.16
C LEU A 108 -9.74 -0.83 -13.23
N ARG A 109 -10.06 0.11 -14.14
CA ARG A 109 -10.93 -0.07 -15.30
C ARG A 109 -10.18 -0.72 -16.48
N GLU A 110 -10.91 -0.94 -17.60
CA GLU A 110 -10.31 -1.58 -18.78
C GLU A 110 -9.28 -0.70 -19.46
N GLN A 111 -9.49 0.61 -19.45
CA GLN A 111 -8.54 1.56 -20.02
C GLN A 111 -7.32 1.85 -19.16
N ASP A 112 -7.20 1.30 -17.97
CA ASP A 112 -6.12 1.78 -17.11
C ASP A 112 -4.89 0.88 -17.29
N SER A 113 -3.80 1.22 -16.62
CA SER A 113 -2.54 0.53 -16.82
C SER A 113 -1.89 0.21 -15.50
N LEU A 114 -1.28 -0.97 -15.45
CA LEU A 114 -0.54 -1.46 -14.30
C LEU A 114 0.89 -1.73 -14.73
N GLN A 115 1.83 -1.35 -13.87
CA GLN A 115 3.24 -1.67 -14.02
C GLN A 115 3.70 -2.31 -12.72
N LEU A 116 4.06 -3.59 -12.79
CA LEU A 116 4.34 -4.39 -11.61
C LEU A 116 5.73 -5.02 -11.74
N THR A 117 6.49 -4.99 -10.66
CA THR A 117 7.87 -5.48 -10.61
C THR A 117 8.03 -6.26 -9.30
N GLU A 118 8.87 -7.28 -9.36
CA GLU A 118 8.99 -8.28 -8.29
C GLU A 118 10.17 -9.19 -8.57
N LEU A 119 11.25 -8.99 -7.81
CA LEU A 119 12.53 -9.64 -8.11
C LEU A 119 12.65 -11.09 -7.66
N HIS A 120 11.86 -11.56 -6.69
CA HIS A 120 12.16 -12.89 -6.12
C HIS A 120 11.60 -14.01 -7.00
N PRO A 121 12.41 -15.02 -7.32
CA PRO A 121 11.97 -16.04 -8.29
C PRO A 121 10.77 -16.80 -7.85
N SER A 122 10.45 -16.79 -6.54
CA SER A 122 9.34 -17.61 -6.06
C SER A 122 8.00 -16.92 -6.25
N ASP A 123 7.94 -15.58 -6.29
CA ASP A 123 6.65 -14.91 -6.49
C ASP A 123 6.40 -14.45 -7.91
N TYR A 124 7.44 -14.00 -8.58
CA TYR A 124 7.31 -13.52 -9.95
C TYR A 124 6.47 -14.46 -10.81
N PRO A 125 6.66 -15.78 -10.75
CA PRO A 125 5.81 -16.66 -11.57
C PRO A 125 4.34 -16.51 -11.24
N LEU A 126 4.00 -16.53 -9.95
CA LEU A 126 2.59 -16.41 -9.55
C LEU A 126 2.02 -15.07 -9.97
N LEU A 127 2.75 -13.99 -9.70
CA LEU A 127 2.33 -12.66 -10.14
C LEU A 127 2.10 -12.64 -11.65
N ARG A 128 3.07 -13.15 -12.43
CA ARG A 128 2.94 -13.13 -13.90
C ARG A 128 1.66 -13.84 -14.35
N SER A 129 1.30 -14.93 -13.66
CA SER A 129 0.05 -15.62 -13.97
C SER A 129 -1.20 -14.77 -13.64
N GLU A 130 -1.15 -13.99 -12.55
CA GLU A 130 -2.29 -13.18 -12.16
C GLU A 130 -2.66 -12.15 -13.24
N PHE A 131 -1.70 -11.73 -14.06
CA PHE A 131 -1.99 -10.85 -15.18
C PHE A 131 -1.72 -11.52 -16.52
N GLN A 132 -1.55 -12.84 -16.54
CA GLN A 132 -1.36 -13.58 -17.77
C GLN A 132 -2.29 -13.20 -18.90
N LYS A 133 -3.57 -13.04 -18.57
CA LYS A 133 -4.60 -12.69 -19.53
C LYS A 133 -4.98 -11.21 -19.49
N ASP A 134 -4.20 -10.37 -18.83
CA ASP A 134 -4.58 -8.98 -18.57
C ASP A 134 -3.52 -8.07 -19.17
N SER A 135 -3.83 -7.58 -20.37
CA SER A 135 -2.90 -6.76 -21.15
C SER A 135 -2.60 -5.44 -20.48
N ARG A 136 -3.46 -4.98 -19.56
CA ARG A 136 -3.24 -3.68 -18.94
C ARG A 136 -1.89 -3.62 -18.24
N ALA A 137 -1.43 -4.75 -17.73
CA ALA A 137 -0.27 -4.81 -16.84
C ALA A 137 1.00 -5.20 -17.59
N ARG A 138 2.15 -4.91 -16.97
CA ARG A 138 3.43 -5.50 -17.31
C ARG A 138 4.12 -5.95 -16.04
N VAL A 139 4.55 -7.19 -16.01
CA VAL A 139 5.19 -7.78 -14.85
C VAL A 139 6.61 -8.14 -15.26
N GLU A 140 7.58 -7.70 -14.47
CA GLU A 140 8.97 -7.98 -14.74
C GLU A 140 9.65 -8.40 -13.45
N LYS A 141 10.63 -9.28 -13.57
CA LYS A 141 11.49 -9.67 -12.45
C LYS A 141 12.72 -8.76 -12.43
N ALA A 142 12.52 -7.53 -11.93
CA ALA A 142 13.62 -6.59 -11.83
C ALA A 142 13.52 -5.75 -10.56
N ASP A 143 14.48 -4.85 -10.37
CA ASP A 143 14.44 -4.01 -9.18
C ASP A 143 13.48 -2.86 -9.40
N GLY A 144 12.43 -2.77 -8.56
CA GLY A 144 11.37 -1.79 -8.69
C GLY A 144 11.76 -0.33 -8.45
N PHE A 145 12.86 -0.07 -7.72
CA PHE A 145 13.34 1.30 -7.58
C PHE A 145 13.78 1.88 -8.93
N GLN A 146 14.19 1.00 -9.85
CA GLN A 146 14.65 1.45 -11.17
C GLN A 146 13.48 1.69 -12.12
N GLN A 147 12.34 1.04 -11.88
CA GLN A 147 11.12 1.32 -12.62
C GLN A 147 10.60 2.73 -12.39
N LEU A 148 11.13 3.43 -11.37
CA LEU A 148 10.76 4.82 -11.16
C LEU A 148 11.48 5.72 -12.15
N LYS A 149 12.65 5.27 -12.62
CA LYS A 149 13.43 6.01 -13.65
C LYS A 149 13.01 5.54 -15.05
N ALA A 150 12.60 4.28 -15.21
CA ALA A 150 12.38 3.74 -16.57
C ALA A 150 10.92 3.75 -17.03
N LYS A 151 9.95 3.79 -16.11
CA LYS A 151 8.54 3.72 -16.48
C LYS A 151 7.80 5.06 -16.38
N LEU A 152 8.45 6.13 -15.89
CA LEU A 152 7.76 7.39 -15.66
C LEU A 152 8.32 8.49 -16.56
N PRO A 153 7.50 9.51 -16.90
CA PRO A 153 6.04 9.58 -16.71
C PRO A 153 5.28 8.58 -17.59
N PRO A 154 4.09 8.21 -17.13
CA PRO A 154 3.22 7.39 -17.97
C PRO A 154 2.62 8.27 -19.04
N VAL A 155 2.29 7.64 -20.15
CA VAL A 155 1.72 8.40 -21.26
C VAL A 155 0.44 9.13 -20.80
N SER A 156 -0.34 8.50 -19.91
CA SER A 156 -1.59 9.12 -19.48
C SER A 156 -1.37 10.45 -18.76
N ARG A 157 -0.23 10.58 -18.06
CA ARG A 157 0.14 11.73 -17.25
C ARG A 157 -0.71 11.84 -16.01
N ARG A 158 -1.19 10.71 -15.52
CA ARG A 158 -1.90 10.65 -14.23
C ARG A 158 -1.60 9.23 -13.70
N GLY A 159 -1.42 9.05 -12.40
CA GLY A 159 -1.00 7.78 -11.85
C GLY A 159 -0.73 7.78 -10.34
N LEU A 160 -0.56 6.55 -9.83
CA LEU A 160 -0.27 6.28 -8.43
C LEU A 160 0.89 5.31 -8.44
N ILE A 161 1.97 5.66 -7.78
CA ILE A 161 3.11 4.79 -7.57
C ILE A 161 3.03 4.29 -6.14
N LEU A 162 3.12 2.97 -5.93
CA LEU A 162 3.02 2.31 -4.60
C LEU A 162 4.36 1.67 -4.31
N ILE A 163 5.11 2.21 -3.37
CA ILE A 163 6.44 1.78 -2.99
C ILE A 163 6.30 1.12 -1.62
N ASP A 164 6.46 -0.18 -1.55
CA ASP A 164 6.09 -0.96 -0.36
C ASP A 164 7.20 -1.94 -0.09
N PRO A 165 8.34 -1.47 0.34
CA PRO A 165 9.52 -2.33 0.42
C PRO A 165 9.48 -3.16 1.69
N PRO A 166 10.28 -4.23 1.76
CA PRO A 166 10.28 -5.07 2.98
C PRO A 166 11.16 -4.54 4.09
N TYR A 167 12.02 -3.58 3.82
CA TYR A 167 12.99 -3.12 4.82
C TYR A 167 13.69 -4.30 5.49
N GLU A 168 14.17 -5.25 4.67
CA GLU A 168 15.07 -6.28 5.17
C GLU A 168 16.50 -5.75 5.26
N MET A 169 16.90 -4.88 4.35
CA MET A 169 18.17 -4.16 4.42
C MET A 169 17.90 -2.71 4.80
N LYS A 170 18.68 -2.17 5.75
CA LYS A 170 18.53 -0.76 6.13
C LYS A 170 18.49 0.14 4.90
N THR A 171 19.36 -0.12 3.91
CA THR A 171 19.47 0.78 2.76
C THR A 171 18.13 1.01 2.06
N ASP A 172 17.11 0.23 2.43
CA ASP A 172 15.77 0.51 1.92
C ASP A 172 15.19 1.78 2.55
N TYR A 173 15.69 2.19 3.71
CA TYR A 173 15.24 3.45 4.26
C TYR A 173 15.81 4.63 3.47
N GLN A 174 16.94 4.42 2.80
CA GLN A 174 17.55 5.42 1.95
C GLN A 174 17.02 5.27 0.53
N ALA A 175 17.02 4.04 0.01
CA ALA A 175 16.62 3.81 -1.37
C ALA A 175 15.27 4.47 -1.70
N VAL A 176 14.25 4.30 -0.82
CA VAL A 176 12.91 4.83 -1.15
C VAL A 176 12.92 6.35 -1.32
N VAL A 177 13.74 7.05 -0.52
CA VAL A 177 13.73 8.50 -0.69
C VAL A 177 14.49 8.90 -1.95
N SER A 178 15.58 8.20 -2.28
CA SER A 178 16.39 8.49 -3.50
C SER A 178 15.57 8.07 -4.72
N GLY A 179 14.74 7.02 -4.60
CA GLY A 179 13.89 6.56 -5.69
C GLY A 179 12.73 7.49 -5.96
N ILE A 180 12.15 8.06 -4.90
CA ILE A 180 11.02 8.96 -5.05
C ILE A 180 11.46 10.23 -5.72
N ALA A 181 12.71 10.63 -5.51
CA ALA A 181 13.22 11.83 -6.17
C ALA A 181 13.46 11.61 -7.65
N GLU A 182 13.95 10.42 -8.04
CA GLU A 182 14.07 10.11 -9.47
C GLU A 182 12.70 9.98 -10.11
N GLY A 183 11.74 9.43 -9.38
CA GLY A 183 10.38 9.38 -9.90
C GLY A 183 9.81 10.78 -10.04
N TYR A 184 10.00 11.63 -9.04
CA TYR A 184 9.34 12.97 -8.98
C TYR A 184 9.92 13.90 -10.04
N LYS A 185 11.22 13.85 -10.28
CA LYS A 185 11.85 14.66 -11.36
C LYS A 185 11.08 14.40 -12.66
N ARG A 186 10.84 13.13 -13.00
CA ARG A 186 10.21 12.74 -14.27
C ARG A 186 8.70 12.91 -14.26
N PHE A 187 8.02 12.75 -13.12
CA PHE A 187 6.54 12.72 -13.11
C PHE A 187 6.09 13.37 -11.79
N ALA A 188 6.13 14.70 -11.78
CA ALA A 188 5.99 15.54 -10.59
C ALA A 188 4.53 15.79 -10.17
N THR A 189 3.58 15.27 -10.96
CA THR A 189 2.17 15.42 -10.68
C THR A 189 1.53 14.14 -10.17
N GLY A 190 2.22 13.01 -10.29
CA GLY A 190 1.69 11.75 -9.83
C GLY A 190 1.71 11.64 -8.31
N THR A 191 0.81 10.79 -7.81
CA THR A 191 0.71 10.45 -6.40
C THR A 191 1.63 9.28 -6.08
N TYR A 192 2.61 9.54 -5.22
CA TYR A 192 3.47 8.52 -4.67
C TYR A 192 3.04 8.14 -3.25
N ALA A 193 3.05 6.83 -2.97
CA ALA A 193 2.58 6.27 -1.70
C ALA A 193 3.66 5.35 -1.16
N LEU A 194 4.29 5.74 -0.05
CA LEU A 194 5.36 4.97 0.57
C LEU A 194 4.90 4.38 1.90
N TRP A 195 4.93 3.06 1.97
CA TRP A 195 4.76 2.35 3.23
C TRP A 195 6.07 2.33 4.02
N TYR A 196 5.96 2.44 5.35
CA TYR A 196 7.03 2.18 6.29
C TYR A 196 6.58 1.38 7.51
N PRO A 197 7.43 0.51 8.02
CA PRO A 197 7.27 0.00 9.38
C PRO A 197 8.05 0.86 10.36
N VAL A 198 7.45 1.03 11.54
CA VAL A 198 8.10 1.69 12.67
C VAL A 198 8.58 0.60 13.61
N VAL A 199 9.85 0.25 13.47
CA VAL A 199 10.57 -0.55 14.43
C VAL A 199 11.44 0.33 15.34
N LEU A 200 12.20 1.25 14.75
CA LEU A 200 13.01 2.20 15.51
C LEU A 200 12.74 3.59 14.94
N ARG A 201 11.96 4.38 15.68
CA ARG A 201 11.48 5.65 15.15
C ARG A 201 12.61 6.46 14.53
N GLN A 202 13.78 6.51 15.19
CA GLN A 202 14.91 7.32 14.69
C GLN A 202 15.16 7.02 13.21
N GLN A 203 15.12 5.74 12.86
CA GLN A 203 15.24 5.32 11.47
C GLN A 203 14.22 6.01 10.57
N ILE A 204 12.96 6.02 11.00
CA ILE A 204 11.88 6.68 10.26
C ILE A 204 12.11 8.19 10.20
N LYS A 205 12.57 8.80 11.30
CA LYS A 205 12.71 10.26 11.32
C LYS A 205 13.83 10.71 10.39
N ARG A 206 14.85 9.86 10.24
CA ARG A 206 15.88 10.11 9.25
C ARG A 206 15.27 10.09 7.85
N MET A 207 14.59 9.00 7.49
CA MET A 207 13.90 8.92 6.21
C MET A 207 13.14 10.20 5.92
N ILE A 208 12.25 10.57 6.83
CA ILE A 208 11.37 11.72 6.62
C ILE A 208 12.16 13.02 6.48
N HIS A 209 13.24 13.18 7.26
CA HIS A 209 14.12 14.33 7.09
C HIS A 209 14.77 14.34 5.72
N ASP A 210 15.28 13.19 5.28
CA ASP A 210 15.83 13.06 3.93
C ASP A 210 14.77 13.23 2.85
N LEU A 211 13.48 13.08 3.18
CA LEU A 211 12.46 13.28 2.15
C LEU A 211 12.08 14.74 1.99
N GLU A 212 11.98 15.49 3.09
CA GLU A 212 11.73 16.93 2.95
C GLU A 212 12.96 17.61 2.35
N ALA A 213 14.13 17.03 2.57
CA ALA A 213 15.37 17.58 1.99
C ALA A 213 15.41 17.49 0.46
N THR A 214 14.71 16.53 -0.14
CA THR A 214 14.56 16.58 -1.59
C THR A 214 13.88 17.88 -2.03
N GLY A 215 12.96 18.37 -1.23
CA GLY A 215 12.26 19.58 -1.60
C GLY A 215 10.89 19.32 -2.13
N ILE A 216 10.48 18.05 -2.18
CA ILE A 216 9.12 17.75 -2.59
C ILE A 216 8.14 18.34 -1.59
N ARG A 217 7.02 18.84 -2.08
CA ARG A 217 5.99 19.47 -1.28
C ARG A 217 4.69 18.69 -1.43
N LYS A 218 3.68 19.13 -0.67
CA LYS A 218 2.39 18.43 -0.60
C LYS A 218 2.57 16.98 -0.17
N ILE A 219 3.22 16.80 0.99
CA ILE A 219 3.49 15.48 1.56
C ILE A 219 2.60 15.29 2.78
N LEU A 220 1.91 14.13 2.84
CA LEU A 220 0.99 13.76 3.91
C LEU A 220 1.53 12.53 4.64
N GLN A 221 1.08 12.35 5.88
CA GLN A 221 1.46 11.20 6.67
C GLN A 221 0.31 10.61 7.48
N ILE A 222 0.14 9.30 7.33
CA ILE A 222 -0.89 8.52 7.97
C ILE A 222 -0.18 7.39 8.69
N GLU A 223 -0.55 7.16 9.95
CA GLU A 223 0.16 6.19 10.76
C GLU A 223 -0.81 5.56 11.74
N LEU A 224 -0.76 4.22 11.80
CA LEU A 224 -1.54 3.42 12.74
C LEU A 224 -0.56 2.61 13.60
N ALA A 225 -0.46 3.00 14.88
CA ALA A 225 0.41 2.35 15.84
C ALA A 225 -0.39 1.43 16.75
N VAL A 226 0.13 0.22 16.96
CA VAL A 226 -0.50 -0.71 17.89
C VAL A 226 0.01 -0.47 19.31
N LEU A 227 1.25 0.01 19.45
CA LEU A 227 1.91 0.30 20.72
C LEU A 227 2.69 1.61 20.58
N PRO A 228 2.78 2.39 21.69
CA PRO A 228 3.66 3.57 21.67
C PRO A 228 5.07 3.15 21.28
N ASP A 229 5.87 4.08 20.74
CA ASP A 229 7.13 3.71 20.11
C ASP A 229 7.98 2.91 21.10
N SER A 230 8.58 1.82 20.65
CA SER A 230 9.41 0.95 21.52
C SER A 230 10.58 0.35 20.76
N ASP A 231 11.52 -0.27 21.47
CA ASP A 231 12.65 -1.00 20.91
C ASP A 231 12.67 -2.48 21.27
N ARG A 232 12.01 -2.87 22.36
CA ARG A 232 11.88 -4.25 22.81
C ARG A 232 10.79 -5.01 22.07
N ARG A 233 10.01 -4.33 21.23
CA ARG A 233 8.76 -4.86 20.70
C ARG A 233 8.84 -5.23 19.23
N GLY A 234 9.44 -4.38 18.41
CA GLY A 234 9.47 -4.63 16.98
C GLY A 234 8.66 -3.60 16.21
N MET A 235 7.73 -4.07 15.36
CA MET A 235 6.88 -3.17 14.60
C MET A 235 5.68 -2.72 15.45
N THR A 236 5.89 -1.63 16.21
CA THR A 236 4.84 -1.02 17.00
C THR A 236 3.88 -0.17 16.16
N ALA A 237 4.28 0.15 14.93
CA ALA A 237 3.41 0.90 14.01
C ALA A 237 3.81 0.67 12.56
N SER A 238 2.98 1.21 11.68
CA SER A 238 3.23 1.29 10.24
C SER A 238 2.55 2.56 9.79
N GLY A 239 2.92 3.05 8.62
CA GLY A 239 2.21 4.20 8.10
C GLY A 239 2.36 4.31 6.60
N MET A 240 1.76 5.35 6.04
CA MET A 240 1.82 5.68 4.63
C MET A 240 2.17 7.15 4.52
N ILE A 241 3.17 7.46 3.71
CA ILE A 241 3.57 8.82 3.39
C ILE A 241 3.16 9.02 1.94
N VAL A 242 2.17 9.89 1.72
CA VAL A 242 1.58 10.10 0.41
C VAL A 242 1.96 11.48 -0.12
N ILE A 243 2.55 11.50 -1.32
CA ILE A 243 2.99 12.72 -1.97
C ILE A 243 1.95 13.01 -3.03
N ASN A 244 1.62 14.29 -3.24
CA ASN A 244 0.55 14.72 -4.12
C ASN A 244 -0.70 13.85 -3.86
N PRO A 245 -1.23 13.87 -2.66
CA PRO A 245 -2.45 13.07 -2.35
C PRO A 245 -3.67 13.67 -3.00
N PRO A 246 -4.71 12.87 -3.22
CA PRO A 246 -6.02 13.44 -3.53
C PRO A 246 -6.54 14.23 -2.34
N TRP A 247 -7.26 15.31 -2.65
CA TRP A 247 -7.59 16.32 -1.66
C TRP A 247 -8.49 15.79 -0.56
N LYS A 248 -9.26 14.74 -0.83
CA LYS A 248 -10.14 14.17 0.16
C LYS A 248 -9.46 13.07 0.97
N LEU A 249 -8.22 12.69 0.65
CA LEU A 249 -7.62 11.59 1.37
C LEU A 249 -7.56 11.92 2.86
N GLU A 250 -7.12 13.13 3.22
CA GLU A 250 -6.88 13.49 4.64
C GLU A 250 -8.18 13.47 5.45
N GLN A 251 -9.31 13.95 4.91
CA GLN A 251 -10.63 13.91 5.61
C GLN A 251 -11.17 12.48 5.57
N GLN A 252 -10.74 11.68 4.60
CA GLN A 252 -11.17 10.27 4.51
C GLN A 252 -10.39 9.51 5.59
N MET A 253 -9.13 9.87 5.85
CA MET A 253 -8.31 9.15 6.82
C MET A 253 -8.53 9.63 8.24
N ASN A 254 -9.07 10.84 8.41
CA ASN A 254 -9.54 11.24 9.74
C ASN A 254 -10.90 10.63 10.06
N ASN A 255 -11.77 10.48 9.06
CA ASN A 255 -13.05 9.80 9.26
C ASN A 255 -12.91 8.30 9.50
N VAL A 256 -11.81 7.69 9.02
CA VAL A 256 -11.65 6.22 9.03
C VAL A 256 -10.68 5.77 10.11
N LEU A 257 -9.46 6.29 10.09
CA LEU A 257 -8.41 5.69 10.91
C LEU A 257 -8.75 5.50 12.39
N PRO A 258 -9.50 6.39 13.04
CA PRO A 258 -9.96 6.09 14.42
C PRO A 258 -10.72 4.80 14.54
N TRP A 259 -11.76 4.64 13.71
CA TRP A 259 -12.52 3.38 13.62
C TRP A 259 -11.57 2.20 13.39
N LEU A 260 -10.71 2.29 12.37
CA LEU A 260 -9.75 1.24 12.12
C LEU A 260 -8.98 0.85 13.37
N HIS A 261 -8.36 1.84 14.03
CA HIS A 261 -7.61 1.56 15.25
C HIS A 261 -8.46 0.84 16.31
N SER A 262 -9.73 1.22 16.45
CA SER A 262 -10.53 0.61 17.53
C SER A 262 -10.86 -0.85 17.23
N LYS A 263 -10.94 -1.22 15.95
CA LYS A 263 -11.28 -2.59 15.60
C LYS A 263 -10.03 -3.47 15.55
N LEU A 264 -8.97 -2.95 14.95
CA LEU A 264 -7.73 -3.70 14.83
C LEU A 264 -6.97 -3.78 16.13
N VAL A 265 -7.04 -2.72 16.96
CA VAL A 265 -6.40 -2.68 18.27
C VAL A 265 -7.36 -2.61 19.46
N PRO A 266 -8.21 -3.58 19.64
CA PRO A 266 -9.20 -3.50 20.72
C PRO A 266 -8.66 -3.22 22.12
N ALA A 267 -7.36 -3.44 22.39
CA ALA A 267 -6.83 -3.22 23.74
C ALA A 267 -6.34 -1.80 23.96
N GLY A 268 -6.75 -0.87 23.10
CA GLY A 268 -6.65 0.56 23.38
C GLY A 268 -5.24 1.09 23.49
N THR A 269 -4.29 0.48 22.81
CA THR A 269 -2.92 0.95 22.78
C THR A 269 -2.59 1.67 21.46
N GLY A 270 -1.53 2.47 21.51
CA GLY A 270 -1.04 3.15 20.34
C GLY A 270 -1.87 4.36 19.98
N HIS A 271 -1.78 4.75 18.72
CA HIS A 271 -2.39 5.99 18.26
C HIS A 271 -2.71 5.83 16.79
N ALA A 272 -3.41 6.84 16.25
CA ALA A 272 -3.85 6.84 14.86
C ALA A 272 -3.78 8.30 14.42
N THR A 273 -2.72 8.65 13.69
CA THR A 273 -2.41 10.04 13.37
C THR A 273 -2.37 10.29 11.87
N VAL A 274 -2.88 11.47 11.49
CA VAL A 274 -2.94 11.93 10.13
C VAL A 274 -2.43 13.37 10.14
N SER A 275 -1.25 13.59 9.55
CA SER A 275 -0.58 14.87 9.64
C SER A 275 -0.01 15.24 8.27
N TRP A 276 0.65 16.41 8.21
CA TRP A 276 1.30 16.92 7.02
C TRP A 276 2.77 17.02 7.32
N ILE A 277 3.58 16.23 6.62
CA ILE A 277 5.02 16.35 6.72
C ILE A 277 5.49 17.64 6.07
N VAL A 278 4.98 17.94 4.87
CA VAL A 278 5.31 19.18 4.17
C VAL A 278 4.00 19.77 3.67
N PRO A 279 3.66 21.02 3.97
CA PRO A 279 2.46 21.63 3.39
C PRO A 279 2.67 21.92 1.91
N GLU A 280 1.56 22.23 1.23
CA GLU A 280 1.59 22.50 -0.21
C GLU A 280 2.67 23.51 -0.64
O5' GMP B 1 12.80 -8.92 7.57
C5' GMP B 1 13.32 -7.73 8.14
C4' GMP B 1 12.57 -7.38 9.46
O4' GMP B 1 13.15 -6.38 10.11
C3' GMP B 1 11.04 -6.88 9.10
O3' GMP B 1 10.13 -7.30 10.15
C2' GMP B 1 11.14 -5.55 9.07
O2' GMP B 1 9.90 -4.83 9.15
C1' GMP B 1 12.07 -5.30 10.31
N9 GMP B 1 12.94 -4.13 10.53
C8 GMP B 1 12.98 -3.01 9.80
N7 GMP B 1 13.87 -2.19 10.33
C5 GMP B 1 14.38 -2.76 11.41
C6 GMP B 1 15.42 -2.32 12.42
O6 GMP B 1 15.92 -1.26 12.30
N1 GMP B 1 15.78 -3.18 13.51
C2 GMP B 1 15.14 -4.50 13.65
N2 GMP B 1 15.49 -5.41 14.75
N3 GMP B 1 14.14 -4.90 12.67
C4 GMP B 1 13.78 -4.00 11.54
HO5' GMP B 1 12.67 -9.56 8.13
H5'1 GMP B 1 13.17 -7.02 7.49
H5'2 GMP B 1 14.28 -7.80 8.27
H4' GMP B 1 12.57 -8.15 10.05
H3' GMP B 1 10.71 -7.28 8.27
H2' GMP B 1 11.60 -5.21 8.27
HO2' GMP B 1 9.54 -4.88 9.93
H1' GMP B 1 11.60 -5.45 11.15
H8 GMP B 1 12.48 -2.84 9.03
HN1 GMP B 1 16.37 -2.92 14.08
HN21 GMP B 1 16.08 -5.18 15.34
HN22 GMP B 1 15.10 -6.19 14.82
C1 6D6 C . 6.09 -5.02 3.20
C2 6D6 C . 6.49 -5.50 1.77
C3 6D6 C . 6.23 -7.05 1.51
C4 6D6 C . 5.39 -6.76 -0.86
C5 6D6 C . 2.86 -6.74 -1.54
C6 6D6 C . 7.83 -7.10 -0.41
C7 6D6 C . 8.68 -9.33 -1.53
C8 6D6 C . 12.36 -7.24 -2.40
C9 6D6 C . 12.67 -6.06 -4.16
N2 6D6 C . 6.42 -7.38 0.06
C10 6D6 C . 3.93 -6.93 -0.37
N3 6D6 C . 3.25 -5.59 -2.36
C11 6D6 C . 1.48 -6.49 -0.95
O1 6D6 C . 0.83 -7.39 -0.36
O2 6D6 C . 1.02 -5.35 -1.05
C12 6D6 C . 8.14 -7.85 -1.77
O3 6D6 C . 9.04 -7.22 -2.42
C13 6D6 C . 10.13 -8.28 -2.96
C14 6D6 C . 10.15 -9.27 -2.02
O4 6D6 C . 10.58 -10.54 -2.52
O5 6D6 C . 7.96 -10.34 -2.21
N4 6D6 C . 11.34 -7.45 -3.19
N5 6D6 C . 13.19 -6.40 -2.99
C15 6D6 C . 13.05 -5.21 -5.21
N6 6D6 C . 14.31 -4.49 -5.13
N7 6D6 C . 12.26 -5.11 -6.27
C16 6D6 C . 11.12 -5.76 -6.35
N8 6D6 C . 10.73 -6.55 -5.39
C17 6D6 C . 11.48 -6.71 -4.29
H1 6D6 C . 6.59 -4.24 3.48
H2 6D6 C . 5.14 -4.76 3.19
H3 6D6 C . 7.44 -5.32 1.63
H4 6D6 C . 6.02 -4.99 1.10
H5 6D6 C . 5.34 -7.29 1.82
H6 6D6 C . 6.86 -7.59 2.03
H7 6D6 C . 5.45 -7.20 -1.73
H8 6D6 C . 5.61 -5.82 -1.00
H9 6D6 C . 2.84 -7.55 -2.10
H10 6D6 C . 8.46 -7.40 0.26
H11 6D6 C . 7.94 -6.13 -0.50
H12 6D6 C . 8.62 -9.56 -0.58
H13 6D6 C . 12.50 -7.64 -1.57
H18 6D6 C . 3.73 -6.29 0.34
H19 6D6 C . 3.81 -7.82 0.03
H20 6D6 C . 3.22 -4.82 -1.89
H21 6D6 C . 2.75 -5.48 -3.10
H24 6D6 C . 7.36 -7.86 -2.36
H25 6D6 C . 9.81 -8.59 -3.82
H26 6D6 C . 10.75 -9.04 -1.28
H27 6D6 C . 10.06 -10.86 -3.12
H28 6D6 C . 7.73 -10.09 -3.00
H29 6D6 C . 14.55 -3.96 -5.78
H30 6D6 C . 14.84 -4.58 -4.46
H31 6D6 C . 10.58 -5.65 -7.10
#